data_3CVY
#
_entry.id   3CVY
#
_cell.length_a   83.360
_cell.length_b   88.840
_cell.length_c   86.590
_cell.angle_alpha   90.00
_cell.angle_beta   90.00
_cell.angle_gamma   90.00
#
_symmetry.space_group_name_H-M   'P 21 21 21'
#
loop_
_entity.id
_entity.type
_entity.pdbx_description
1 polymer "DNA (5'-D(*DAP*DCP*DAP*DGP*DCP*DGP*DGP*DTP*DTP*DGP*DCP*DAP*DGP*DGP*DT)-3')"
2 polymer "DNA (5'-D(*DTP*DAP*DCP*DCP*DTP*DGP*DCP*DAP*DAP*DCP*DCP*DGP*DCP*DTP*DG)-3')"
3 polymer RE11660p
4 non-polymer 'FLAVIN-ADENINE DINUCLEOTIDE'
5 water water
#
loop_
_entity_poly.entity_id
_entity_poly.type
_entity_poly.pdbx_seq_one_letter_code
_entity_poly.pdbx_strand_id
1 'polydeoxyribonucleotide' (DA)(DC)(DA)(DG)(DC)(DG)(DG)(DT)(DT)(DG)(DC)(DA)(DG)(DG)(DT) C
2 'polydeoxyribonucleotide' (DT)(DA)(DC)(DC)(DT)(DG)(DC)(DA)(DA)(DC)(DC)(DG)(DC)(DT)(DG) D
3 'polypeptide(L)'
;MASWSHPQFEKGASTSLYKKAGLMDSQRSTLVHWFRKGLRLHDNPALSHIFTAANAAPGRYFVRPIFILDPGILDWMQVG
ANRWRFLQQTLEDLDNQLRKLNSRLFVVRGKPAEVFPRIFKSWRVEMLTFETDIEPYSVTRDAAVQKLAKAEGVRVETHC
SHTIYNPELVIAKNLGKAPITYQKFLGIVEQLKVPKVLGVPEKLKNMPTPPKDEVEQKDSAAYDCPTMKQLVKRPEELGP
NKFPGGETEALRRMEESLKDEIWVARFEKPNTAPNSLEPSTTVLSPYLKFGCLSARLFNQKLKEIIKRQPKHSQPPVSLI
GQLMWREFYYTVAAAEPNFDRMLGNVYCMQIPWQEHPDHLEAWTHGRTGYPFIDAIMRQLRQEGWIHHLARHAVACFLTR
GDLWISWEEGQRVFEQLLLDQDWALNAGNWMWLSASAFFHQYFRVYSPVAFGKKTDPQGHYIRKYVPELSKYPAGCIYEP
WKASLVDQRAYGCVLGTDYPHRIVKHEVVHKENIKRMGAAYKVNREVRTGKEEESSFEEKSET
;
A
#
# COMPACT_ATOMS: atom_id res chain seq x y z
N ARG C 28 23.46 10.48 31.14
CA ARG C 28 22.71 11.20 30.07
C ARG C 28 21.74 10.25 29.37
N SER C 29 20.43 10.53 29.50
CA SER C 29 19.39 9.61 29.00
C SER C 29 19.06 9.90 27.55
N THR C 30 18.52 8.89 26.86
CA THR C 30 18.29 8.97 25.42
C THR C 30 16.80 9.04 25.09
N LEU C 31 16.46 9.85 24.08
CA LEU C 31 15.10 9.93 23.57
C LEU C 31 15.03 9.20 22.25
N VAL C 32 14.08 8.28 22.12
CA VAL C 32 13.98 7.40 20.95
C VAL C 32 12.69 7.64 20.18
N HIS C 33 12.81 7.97 18.91
CA HIS C 33 11.66 7.84 18.01
C HIS C 33 11.87 6.58 17.20
N TRP C 34 10.82 5.76 17.13
CA TRP C 34 10.86 4.53 16.38
C TRP C 34 10.08 4.67 15.07
N PHE C 35 10.81 4.63 13.96
CA PHE C 35 10.21 4.62 12.64
C PHE C 35 9.77 3.20 12.33
N ARG C 36 8.54 3.04 11.90
CA ARG C 36 8.09 1.80 11.30
C ARG C 36 7.39 2.17 9.99
N LYS C 37 6.24 2.83 10.10
CA LYS C 37 5.73 3.68 9.03
C LYS C 37 6.13 5.11 9.42
N GLY C 38 5.38 6.11 8.97
CA GLY C 38 5.71 7.50 9.27
C GLY C 38 7.13 7.88 8.88
N LEU C 39 7.59 7.35 7.75
CA LEU C 39 8.97 7.55 7.30
C LEU C 39 9.16 8.95 6.69
N ARG C 40 9.12 9.96 7.55
CA ARG C 40 9.12 11.34 7.12
C ARG C 40 9.45 12.27 8.28
N LEU C 41 10.00 13.43 7.97
CA LEU C 41 10.19 14.47 8.96
C LEU C 41 8.94 15.33 9.12
N HIS C 42 8.28 15.65 8.01
CA HIS C 42 7.10 16.52 8.05
C HIS C 42 5.90 15.79 8.64
N ASP C 43 5.02 16.58 9.27
CA ASP C 43 3.78 16.10 9.91
C ASP C 43 3.96 14.81 10.70
N ASN C 44 5.02 14.75 11.49
CA ASN C 44 5.28 13.59 12.33
C ASN C 44 5.31 14.03 13.79
N PRO C 45 4.15 13.96 14.47
CA PRO C 45 4.11 14.42 15.86
C PRO C 45 4.96 13.60 16.80
N ALA C 46 4.96 12.27 16.61
CA ALA C 46 5.79 11.37 17.42
C ALA C 46 7.26 11.77 17.34
N LEU C 47 7.70 12.14 16.15
CA LEU C 47 9.07 12.59 15.92
C LEU C 47 9.30 14.00 16.49
N SER C 48 8.38 14.92 16.20
CA SER C 48 8.54 16.32 16.63
C SER C 48 8.61 16.46 18.14
N HIS C 49 7.89 15.60 18.85
CA HIS C 49 7.91 15.63 20.31
C HIS C 49 9.33 15.42 20.83
N ILE C 50 9.97 14.35 20.35
CA ILE C 50 11.36 14.03 20.71
C ILE C 50 12.30 15.21 20.46
N PHE C 51 12.09 15.92 19.35
CA PHE C 51 12.99 17.01 18.96
C PHE C 51 12.71 18.31 19.73
N THR C 52 11.44 18.64 19.94
CA THR C 52 11.08 19.76 20.81
C THR C 52 11.42 19.45 22.28
N ALA C 53 11.30 18.19 22.67
CA ALA C 53 11.67 17.77 24.04
C ALA C 53 13.18 17.83 24.29
N ALA C 54 13.96 17.38 23.32
CA ALA C 54 15.42 17.41 23.42
C ALA C 54 15.95 18.85 23.41
N ASN C 55 15.38 19.69 22.55
CA ASN C 55 15.77 21.10 22.47
C ASN C 55 15.28 21.93 23.66
N ALA C 56 14.21 21.46 24.33
CA ALA C 56 13.65 22.14 25.51
C ALA C 56 14.62 22.14 26.67
N ALA C 57 15.27 20.99 26.88
CA ALA C 57 16.29 20.85 27.91
C ALA C 57 17.54 20.19 27.32
N PRO C 58 18.29 20.94 26.48
CA PRO C 58 19.44 20.32 25.82
C PRO C 58 20.44 19.93 26.88
N GLY C 59 21.22 18.89 26.64
CA GLY C 59 22.24 18.46 27.59
C GLY C 59 21.82 17.36 28.54
N ARG C 60 20.52 17.11 28.66
CA ARG C 60 20.07 15.90 29.35
C ARG C 60 20.02 14.71 28.40
N TYR C 61 19.74 14.98 27.12
CA TYR C 61 19.34 13.93 26.19
C TYR C 61 20.25 13.70 24.99
N PHE C 62 20.35 12.45 24.59
CA PHE C 62 20.76 12.09 23.23
C PHE C 62 19.48 11.75 22.46
N VAL C 63 19.49 11.96 21.15
CA VAL C 63 18.34 11.64 20.31
C VAL C 63 18.70 10.48 19.39
N ARG C 64 17.86 9.46 19.37
CA ARG C 64 18.11 8.26 18.57
C ARG C 64 16.90 7.89 17.73
N PRO C 65 16.77 8.49 16.54
CA PRO C 65 15.71 8.08 15.63
C PRO C 65 16.08 6.76 14.98
N ILE C 66 15.28 5.73 15.20
CA ILE C 66 15.64 4.41 14.74
C ILE C 66 14.59 3.80 13.82
N PHE C 67 15.05 2.90 12.97
CA PHE C 67 14.20 2.00 12.21
C PHE C 67 14.74 0.60 12.47
N ILE C 68 13.87 -0.31 12.89
CA ILE C 68 14.29 -1.69 13.13
C ILE C 68 14.04 -2.54 11.88
N LEU C 69 15.13 -3.09 11.34
CA LEU C 69 15.07 -3.98 10.19
C LEU C 69 14.70 -5.39 10.71
N ASP C 70 13.39 -5.63 10.75
CA ASP C 70 12.80 -6.76 11.47
C ASP C 70 12.70 -8.03 10.62
N PRO C 71 13.52 -9.07 10.91
CA PRO C 71 13.33 -10.36 10.23
C PRO C 71 12.01 -11.08 10.58
N GLY C 72 11.31 -10.63 11.61
CA GLY C 72 9.96 -11.14 11.95
C GLY C 72 8.84 -10.61 11.06
N ILE C 73 9.21 -9.82 10.05
CA ILE C 73 8.27 -9.29 9.07
C ILE C 73 8.21 -10.23 7.85
N LEU C 74 9.36 -10.79 7.46
CA LEU C 74 9.44 -11.65 6.28
C LEU C 74 8.73 -12.99 6.47
N ASP C 75 8.51 -13.40 7.72
CA ASP C 75 7.76 -14.64 8.02
C ASP C 75 6.25 -14.42 8.20
N TRP C 76 5.83 -13.15 8.22
CA TRP C 76 4.41 -12.80 8.25
C TRP C 76 3.91 -12.30 6.88
N MET C 77 4.81 -11.78 6.04
CA MET C 77 4.41 -11.22 4.74
C MET C 77 5.39 -11.49 3.59
N GLN C 78 4.97 -11.13 2.38
CA GLN C 78 5.75 -11.32 1.15
C GLN C 78 6.27 -9.99 0.62
N VAL C 79 7.55 -9.94 0.22
CA VAL C 79 8.20 -8.66 -0.17
C VAL C 79 9.07 -8.78 -1.43
N GLY C 80 8.57 -8.26 -2.56
CA GLY C 80 9.29 -8.27 -3.82
C GLY C 80 10.45 -7.30 -3.87
N ALA C 81 11.30 -7.42 -4.90
CA ALA C 81 12.51 -6.61 -5.04
C ALA C 81 12.23 -5.12 -5.17
N ASN C 82 11.27 -4.77 -6.03
CA ASN C 82 10.86 -3.37 -6.21
C ASN C 82 10.56 -2.62 -4.91
N ARG C 83 9.95 -3.31 -3.95
CA ARG C 83 9.58 -2.67 -2.69
C ARG C 83 10.76 -2.54 -1.72
N TRP C 84 11.72 -3.47 -1.82
CA TRP C 84 12.96 -3.36 -1.06
C TRP C 84 13.75 -2.13 -1.50
N ARG C 85 13.83 -1.93 -2.82
CA ARG C 85 14.49 -0.75 -3.37
C ARG C 85 13.80 0.48 -2.85
N PHE C 86 12.48 0.45 -2.83
CA PHE C 86 11.73 1.59 -2.32
C PHE C 86 12.09 1.85 -0.87
N LEU C 87 12.15 0.79 -0.06
CA LEU C 87 12.51 0.94 1.34
C LEU C 87 13.94 1.46 1.48
N GLN C 88 14.88 0.89 0.71
CA GLN C 88 16.27 1.32 0.72
C GLN C 88 16.36 2.81 0.47
N GLN C 89 15.67 3.28 -0.56
CA GLN C 89 15.73 4.67 -0.96
C GLN C 89 15.06 5.59 0.06
N THR C 90 13.96 5.12 0.66
CA THR C 90 13.24 5.87 1.68
C THR C 90 14.10 6.09 2.92
N LEU C 91 14.73 5.00 3.38
CA LEU C 91 15.63 5.03 4.52
C LEU C 91 16.83 5.94 4.27
N GLU C 92 17.36 5.89 3.05
CA GLU C 92 18.46 6.79 2.64
C GLU C 92 18.02 8.24 2.70
N ASP C 93 16.86 8.53 2.11
CA ASP C 93 16.34 9.89 2.12
C ASP C 93 16.00 10.34 3.53
N LEU C 94 15.43 9.45 4.32
CA LEU C 94 15.11 9.76 5.69
C LEU C 94 16.38 10.08 6.48
N ASP C 95 17.48 9.40 6.14
CA ASP C 95 18.75 9.64 6.82
C ASP C 95 19.30 11.00 6.43
N ASN C 96 19.31 11.28 5.12
CA ASN C 96 19.73 12.59 4.62
C ASN C 96 19.03 13.72 5.34
N GLN C 97 17.71 13.62 5.48
CA GLN C 97 16.90 14.69 6.05
C GLN C 97 17.16 14.86 7.55
N LEU C 98 17.30 13.74 8.26
CA LEU C 98 17.63 13.79 9.70
C LEU C 98 18.99 14.46 9.93
N ARG C 99 19.92 14.23 9.02
CA ARG C 99 21.22 14.88 9.07
C ARG C 99 21.11 16.41 8.96
N LYS C 100 20.17 16.89 8.16
CA LYS C 100 19.90 18.33 8.09
C LYS C 100 19.42 18.86 9.46
N LEU C 101 18.90 17.97 10.31
CA LEU C 101 18.47 18.34 11.65
C LEU C 101 19.49 18.04 12.77
N ASN C 102 20.77 17.87 12.40
CA ASN C 102 21.84 17.55 13.35
C ASN C 102 21.62 16.24 14.09
N SER C 103 20.93 15.30 13.43
CA SER C 103 20.69 13.96 13.94
C SER C 103 21.09 12.97 12.83
N ARG C 104 20.60 11.75 12.89
CA ARG C 104 20.77 10.78 11.80
C ARG C 104 19.75 9.67 11.98
N LEU C 105 19.66 8.77 11.02
CA LEU C 105 18.83 7.58 11.20
C LEU C 105 19.74 6.46 11.70
N PHE C 106 19.26 5.71 12.68
CA PHE C 106 19.96 4.52 13.16
C PHE C 106 19.19 3.29 12.71
N VAL C 107 19.76 2.53 11.79
CA VAL C 107 19.13 1.30 11.30
C VAL C 107 19.62 0.11 12.09
N VAL C 108 18.83 -0.31 13.08
CA VAL C 108 19.16 -1.47 13.88
C VAL C 108 18.67 -2.74 13.19
N ARG C 109 19.58 -3.68 12.99
CA ARG C 109 19.21 -5.03 12.55
C ARG C 109 18.79 -5.84 13.78
N GLY C 110 17.71 -6.62 13.64
CA GLY C 110 17.22 -7.47 14.73
C GLY C 110 15.71 -7.46 14.88
N LYS C 111 15.20 -8.47 15.59
CA LYS C 111 13.78 -8.57 15.92
C LYS C 111 13.53 -7.73 17.19
N PRO C 112 12.47 -6.90 17.18
CA PRO C 112 12.16 -6.01 18.33
C PRO C 112 12.25 -6.63 19.73
N ALA C 113 12.03 -7.95 19.85
CA ALA C 113 12.15 -8.63 21.13
C ALA C 113 13.60 -8.60 21.64
N GLU C 114 14.53 -9.02 20.79
CA GLU C 114 15.95 -9.00 21.15
C GLU C 114 16.49 -7.57 21.28
N VAL C 115 16.01 -6.67 20.42
CA VAL C 115 16.58 -5.32 20.31
C VAL C 115 16.23 -4.38 21.47
N PHE C 116 14.94 -4.24 21.76
CA PHE C 116 14.46 -3.21 22.68
C PHE C 116 14.96 -3.28 24.13
N PRO C 117 15.02 -4.48 24.73
CA PRO C 117 15.55 -4.53 26.09
C PRO C 117 17.03 -4.14 26.14
N ARG C 118 17.79 -4.52 25.12
CA ARG C 118 19.21 -4.18 25.02
C ARG C 118 19.43 -2.67 24.90
N ILE C 119 18.68 -2.00 24.02
CA ILE C 119 18.86 -0.55 23.80
C ILE C 119 18.25 0.33 24.89
N PHE C 120 17.19 -0.14 25.56
CA PHE C 120 16.68 0.54 26.75
C PHE C 120 17.81 0.66 27.76
N LYS C 121 18.55 -0.44 27.94
CA LYS C 121 19.66 -0.47 28.89
C LYS C 121 20.81 0.41 28.42
N SER C 122 21.48 -0.01 27.35
CA SER C 122 22.73 0.64 26.95
C SER C 122 22.59 2.12 26.58
N TRP C 123 21.42 2.54 26.10
CA TRP C 123 21.22 3.96 25.77
C TRP C 123 20.57 4.76 26.89
N ARG C 124 20.16 4.09 27.97
CA ARG C 124 19.34 4.71 29.02
C ARG C 124 18.16 5.47 28.41
N VAL C 125 17.16 4.74 27.94
CA VAL C 125 16.04 5.38 27.25
C VAL C 125 15.04 5.97 28.24
N GLU C 126 14.89 7.30 28.21
CA GLU C 126 13.89 7.97 29.01
C GLU C 126 12.53 7.95 28.33
N MET C 127 12.50 8.07 27.00
CA MET C 127 11.24 8.05 26.26
C MET C 127 11.32 7.43 24.87
N LEU C 128 10.28 6.70 24.53
CA LEU C 128 10.08 6.10 23.21
C LEU C 128 8.82 6.71 22.59
N THR C 129 8.87 7.05 21.30
CA THR C 129 7.66 7.47 20.58
C THR C 129 7.56 6.75 19.24
N PHE C 130 6.31 6.51 18.81
CA PHE C 130 6.05 6.02 17.47
C PHE C 130 4.64 6.33 17.01
N GLU C 131 4.45 6.24 15.70
CA GLU C 131 3.15 6.40 15.07
C GLU C 131 2.42 5.07 15.21
N THR C 132 1.16 5.11 15.64
CA THR C 132 0.41 3.88 15.90
C THR C 132 0.02 3.18 14.62
N ASP C 133 -0.21 1.88 14.72
CA ASP C 133 -0.67 1.07 13.60
C ASP C 133 -1.72 0.06 14.07
N ILE C 134 -2.71 -0.20 13.23
CA ILE C 134 -3.80 -1.12 13.55
C ILE C 134 -3.50 -2.56 13.10
N GLU C 135 -2.47 -2.71 12.27
CA GLU C 135 -2.13 -3.98 11.65
C GLU C 135 -1.78 -5.03 12.73
N PRO C 136 -2.39 -6.23 12.65
CA PRO C 136 -2.24 -7.23 13.71
C PRO C 136 -0.80 -7.49 14.17
N TYR C 137 0.13 -7.63 13.21
CA TYR C 137 1.52 -7.87 13.57
C TYR C 137 2.08 -6.76 14.45
N SER C 138 1.80 -5.52 14.07
CA SER C 138 2.32 -4.37 14.80
C SER C 138 1.59 -4.17 16.13
N VAL C 139 0.32 -4.51 16.20
CA VAL C 139 -0.43 -4.41 17.46
C VAL C 139 0.16 -5.36 18.52
N THR C 140 0.46 -6.60 18.12
CA THR C 140 1.08 -7.57 19.01
C THR C 140 2.53 -7.18 19.34
N ARG C 141 3.28 -6.77 18.33
CA ARG C 141 4.62 -6.22 18.51
C ARG C 141 4.63 -5.03 19.47
N ASP C 142 3.68 -4.11 19.30
CA ASP C 142 3.59 -2.90 20.12
C ASP C 142 3.27 -3.19 21.58
N ALA C 143 2.31 -4.10 21.81
CA ALA C 143 1.93 -4.49 23.17
C ALA C 143 3.14 -5.00 23.96
N ALA C 144 3.91 -5.90 23.33
CA ALA C 144 5.11 -6.44 23.93
C ALA C 144 6.08 -5.33 24.32
N VAL C 145 6.30 -4.38 23.41
CA VAL C 145 7.24 -3.28 23.63
C VAL C 145 6.69 -2.28 24.65
N GLN C 146 5.38 -2.07 24.61
CA GLN C 146 4.67 -1.23 25.58
C GLN C 146 4.83 -1.80 26.99
N LYS C 147 4.77 -3.14 27.07
CA LYS C 147 4.94 -3.87 28.32
C LYS C 147 6.41 -3.86 28.77
N LEU C 148 7.31 -4.13 27.82
CA LEU C 148 8.74 -4.19 28.11
C LEU C 148 9.32 -2.81 28.47
N ALA C 149 8.68 -1.76 27.97
CA ALA C 149 9.06 -0.39 28.31
C ALA C 149 8.64 -0.05 29.74
N LYS C 150 7.47 -0.55 30.15
CA LYS C 150 6.98 -0.35 31.51
C LYS C 150 7.78 -1.18 32.51
N ALA C 151 8.27 -2.33 32.06
CA ALA C 151 9.17 -3.16 32.88
C ALA C 151 10.41 -2.39 33.29
N GLU C 152 11.02 -1.67 32.33
CA GLU C 152 12.21 -0.86 32.61
C GLU C 152 11.91 0.64 32.72
N GLY C 153 10.69 0.98 33.14
CA GLY C 153 10.33 2.35 33.46
C GLY C 153 10.45 3.39 32.36
N VAL C 154 10.54 2.94 31.10
CA VAL C 154 10.64 3.84 29.95
C VAL C 154 9.27 4.41 29.62
N ARG C 155 9.22 5.72 29.38
CA ARG C 155 7.97 6.38 29.00
C ARG C 155 7.69 6.12 27.52
N VAL C 156 6.44 5.79 27.21
CA VAL C 156 6.01 5.54 25.85
C VAL C 156 4.92 6.54 25.49
N GLU C 157 5.14 7.31 24.45
CA GLU C 157 4.16 8.28 23.97
C GLU C 157 3.90 7.99 22.48
N THR C 158 2.74 7.41 22.19
CA THR C 158 2.38 7.08 20.80
C THR C 158 1.46 8.15 20.24
N HIS C 159 1.54 8.35 18.92
CA HIS C 159 0.68 9.29 18.23
C HIS C 159 -0.03 8.60 17.09
N CYS C 160 -1.14 9.18 16.65
CA CYS C 160 -1.90 8.64 15.53
C CYS C 160 -1.82 9.65 14.39
N SER C 161 -1.02 9.33 13.39
CA SER C 161 -0.78 10.23 12.26
C SER C 161 -0.64 9.57 10.88
N HIS C 162 -0.74 8.24 10.81
CA HIS C 162 -0.71 7.53 9.54
C HIS C 162 -2.00 7.78 8.78
N THR C 163 -3.10 7.93 9.52
CA THR C 163 -4.39 8.27 8.94
C THR C 163 -4.85 9.64 9.40
N ILE C 164 -5.78 10.22 8.65
CA ILE C 164 -6.34 11.53 8.97
C ILE C 164 -7.18 11.41 10.23
N TYR C 165 -7.99 10.36 10.29
CA TYR C 165 -8.86 10.08 11.44
C TYR C 165 -8.41 8.82 12.13
N ASN C 166 -8.50 8.82 13.47
CA ASN C 166 -8.21 7.65 14.27
C ASN C 166 -9.33 6.60 14.13
N PRO C 167 -9.00 5.42 13.58
CA PRO C 167 -10.01 4.36 13.43
C PRO C 167 -10.69 4.02 14.76
N GLU C 168 -9.91 4.05 15.84
CA GLU C 168 -10.40 3.74 17.18
C GLU C 168 -11.47 4.74 17.62
N LEU C 169 -11.27 6.02 17.31
CA LEU C 169 -12.25 7.05 17.61
C LEU C 169 -13.44 7.01 16.65
N VAL C 170 -13.20 6.63 15.40
CA VAL C 170 -14.28 6.48 14.42
C VAL C 170 -15.25 5.39 14.88
N ILE C 171 -14.68 4.27 15.30
CA ILE C 171 -15.45 3.16 15.83
C ILE C 171 -16.23 3.57 17.07
N ALA C 172 -15.55 4.28 17.97
CA ALA C 172 -16.15 4.72 19.23
C ALA C 172 -17.37 5.60 18.99
N LYS C 173 -17.22 6.64 18.17
CA LYS C 173 -18.32 7.55 17.88
C LYS C 173 -19.48 6.86 17.14
N ASN C 174 -19.20 5.70 16.54
CA ASN C 174 -20.26 4.86 15.97
C ASN C 174 -20.64 3.74 16.96
N LEU C 175 -20.63 4.08 18.24
CA LEU C 175 -21.11 3.21 19.31
C LEU C 175 -20.45 1.84 19.25
N GLY C 176 -19.12 1.85 19.25
CA GLY C 176 -18.32 0.63 19.35
C GLY C 176 -18.33 -0.26 18.13
N LYS C 177 -18.77 0.26 16.98
CA LYS C 177 -18.79 -0.52 15.74
C LYS C 177 -18.18 0.25 14.57
N ALA C 178 -17.54 -0.48 13.67
CA ALA C 178 -16.98 0.13 12.47
C ALA C 178 -18.09 0.24 11.44
N PRO C 179 -18.28 1.44 10.86
CA PRO C 179 -19.30 1.60 9.83
C PRO C 179 -18.90 0.85 8.58
N ILE C 180 -19.82 0.08 8.01
CA ILE C 180 -19.48 -0.81 6.90
C ILE C 180 -19.93 -0.31 5.54
N THR C 181 -20.32 0.96 5.46
CA THR C 181 -20.56 1.62 4.17
C THR C 181 -19.89 2.99 4.12
N TYR C 182 -19.52 3.39 2.90
CA TYR C 182 -18.77 4.61 2.68
C TYR C 182 -19.53 5.86 3.16
N GLN C 183 -20.80 5.96 2.79
CA GLN C 183 -21.58 7.14 3.18
C GLN C 183 -21.78 7.23 4.70
N LYS C 184 -22.04 6.09 5.33
CA LYS C 184 -22.16 6.01 6.80
C LYS C 184 -20.85 6.46 7.45
N PHE C 185 -19.75 6.08 6.82
CA PHE C 185 -18.41 6.44 7.29
C PHE C 185 -18.18 7.95 7.22
N LEU C 186 -18.61 8.56 6.11
CA LEU C 186 -18.45 10.00 5.91
C LEU C 186 -19.23 10.76 6.97
N GLY C 187 -20.47 10.34 7.21
CA GLY C 187 -21.31 10.94 8.23
C GLY C 187 -20.66 10.95 9.61
N ILE C 188 -19.89 9.91 9.92
CA ILE C 188 -19.21 9.80 11.21
C ILE C 188 -18.00 10.73 11.30
N VAL C 189 -17.13 10.72 10.30
CA VAL C 189 -15.86 11.47 10.34
C VAL C 189 -16.02 12.99 10.19
N GLU C 190 -17.11 13.41 9.53
CA GLU C 190 -17.47 14.82 9.48
C GLU C 190 -17.78 15.38 10.87
N GLN C 191 -18.17 14.50 11.80
CA GLN C 191 -18.40 14.87 13.20
C GLN C 191 -17.10 14.87 14.04
N LEU C 192 -15.94 14.73 13.38
CA LEU C 192 -14.64 14.71 14.07
C LEU C 192 -13.74 15.82 13.55
N LYS C 193 -13.06 16.51 14.46
CA LYS C 193 -12.12 17.56 14.08
C LYS C 193 -10.80 16.96 13.63
N VAL C 194 -10.13 17.66 12.72
CA VAL C 194 -8.93 17.15 12.08
C VAL C 194 -7.70 17.66 12.81
N PRO C 195 -6.83 16.74 13.29
CA PRO C 195 -5.58 17.18 13.91
C PRO C 195 -4.80 18.15 13.02
N LYS C 196 -4.05 19.04 13.65
CA LYS C 196 -3.28 20.03 12.91
C LYS C 196 -2.09 19.38 12.21
N VAL C 197 -1.83 19.82 10.98
CA VAL C 197 -0.72 19.29 10.19
C VAL C 197 0.56 19.99 10.62
N LEU C 198 1.46 19.25 11.23
CA LEU C 198 2.72 19.81 11.72
C LEU C 198 3.72 19.95 10.58
N GLY C 199 4.64 20.89 10.74
CA GLY C 199 5.71 21.07 9.79
C GLY C 199 6.83 20.13 10.09
N VAL C 200 8.03 20.50 9.67
CA VAL C 200 9.26 19.74 9.92
C VAL C 200 9.81 20.10 11.31
N PRO C 201 10.40 19.11 12.03
CA PRO C 201 10.85 19.41 13.39
C PRO C 201 12.04 20.39 13.46
N GLU C 202 12.34 20.83 14.68
CA GLU C 202 13.44 21.77 14.94
C GLU C 202 14.78 21.09 14.69
N LYS C 203 15.68 21.80 14.03
CA LYS C 203 17.08 21.41 13.95
C LYS C 203 17.60 21.26 15.38
N LEU C 204 18.20 20.12 15.71
CA LEU C 204 18.73 19.89 17.07
C LEU C 204 19.86 20.84 17.40
N LYS C 205 19.85 21.34 18.63
CA LYS C 205 20.74 22.43 19.06
C LYS C 205 21.71 21.94 20.13
N ASN C 206 22.99 22.27 19.98
CA ASN C 206 24.01 21.97 21.01
C ASN C 206 24.03 20.49 21.40
N MET C 207 23.83 19.62 20.42
CA MET C 207 23.59 18.20 20.67
C MET C 207 24.70 17.38 20.01
N PRO C 208 25.67 16.91 20.83
CA PRO C 208 26.69 16.05 20.26
C PRO C 208 26.13 14.67 19.91
N THR C 209 26.87 13.90 19.12
CA THR C 209 26.45 12.56 18.74
C THR C 209 26.45 11.63 19.96
N PRO C 210 25.56 10.64 19.99
CA PRO C 210 25.56 9.74 21.13
C PRO C 210 26.87 8.94 21.24
N PRO C 211 27.18 8.43 22.44
CA PRO C 211 28.34 7.57 22.61
C PRO C 211 28.10 6.20 21.98
N LYS C 212 29.17 5.58 21.48
CA LYS C 212 29.05 4.30 20.81
C LYS C 212 28.67 3.22 21.80
N ASP C 213 27.60 2.49 21.49
CA ASP C 213 27.18 1.34 22.30
C ASP C 213 28.09 0.14 22.00
N GLU C 214 27.79 -0.98 22.64
CA GLU C 214 28.58 -2.20 22.49
C GLU C 214 28.68 -2.63 21.03
N VAL C 215 27.58 -2.45 20.30
CA VAL C 215 27.49 -2.84 18.89
C VAL C 215 28.28 -1.89 17.98
N GLU C 216 28.18 -0.59 18.25
CA GLU C 216 28.90 0.41 17.47
C GLU C 216 30.41 0.35 17.70
N GLN C 217 30.81 -0.21 18.83
CA GLN C 217 32.24 -0.40 19.13
C GLN C 217 32.86 -1.53 18.31
N LYS C 218 32.14 -2.64 18.16
CA LYS C 218 32.57 -3.72 17.25
C LYS C 218 32.56 -3.21 15.81
N ASP C 219 31.45 -2.59 15.41
CA ASP C 219 31.29 -2.09 14.06
C ASP C 219 30.66 -0.70 14.07
N SER C 220 31.44 0.32 13.70
CA SER C 220 30.96 1.69 13.75
C SER C 220 29.90 2.02 12.69
N ALA C 221 29.81 1.21 11.63
CA ALA C 221 28.77 1.42 10.60
C ALA C 221 27.55 0.53 10.82
N ALA C 222 27.48 -0.14 11.96
CA ALA C 222 26.42 -1.10 12.26
C ALA C 222 25.01 -0.55 12.05
N TYR C 223 24.80 0.73 12.36
CA TYR C 223 23.47 1.32 12.23
C TYR C 223 23.29 2.23 11.01
N ASP C 224 24.18 2.11 10.03
CA ASP C 224 24.06 2.89 8.79
C ASP C 224 22.99 2.33 7.87
N CYS C 225 22.57 3.13 6.89
CA CYS C 225 21.59 2.71 5.90
C CYS C 225 22.05 1.52 5.09
N PRO C 226 21.16 0.52 4.94
CA PRO C 226 21.46 -0.58 4.04
C PRO C 226 21.71 -0.09 2.63
N THR C 227 22.64 -0.70 1.94
CA THR C 227 22.82 -0.46 0.51
C THR C 227 21.77 -1.27 -0.25
N MET C 228 21.66 -1.01 -1.55
CA MET C 228 20.85 -1.85 -2.40
C MET C 228 21.30 -3.31 -2.30
N LYS C 229 22.59 -3.53 -2.55
CA LYS C 229 23.21 -4.87 -2.48
C LYS C 229 22.88 -5.62 -1.19
N GLN C 230 22.92 -4.91 -0.06
CA GLN C 230 22.56 -5.49 1.23
C GLN C 230 21.08 -5.87 1.32
N LEU C 231 20.22 -4.99 0.84
CA LEU C 231 18.78 -5.11 1.08
C LEU C 231 18.05 -5.94 0.02
N VAL C 232 18.44 -5.77 -1.24
CA VAL C 232 17.84 -6.50 -2.36
C VAL C 232 18.69 -7.73 -2.69
N LYS C 233 18.29 -8.89 -2.19
CA LYS C 233 19.01 -10.15 -2.43
C LYS C 233 18.59 -10.76 -3.77
N ARG C 234 18.23 -9.92 -4.74
CA ARG C 234 17.43 -10.38 -5.87
C ARG C 234 17.37 -9.35 -7.02
N PRO C 235 18.54 -8.79 -7.42
CA PRO C 235 18.55 -7.61 -8.31
C PRO C 235 18.05 -7.86 -9.73
N GLU C 236 18.05 -9.11 -10.17
CA GLU C 236 17.52 -9.48 -11.48
C GLU C 236 16.01 -9.24 -11.60
N GLU C 237 15.30 -9.24 -10.47
CA GLU C 237 13.84 -9.04 -10.47
C GLU C 237 13.42 -7.56 -10.32
N LEU C 238 14.37 -6.64 -10.34
CA LEU C 238 14.05 -5.19 -10.33
C LEU C 238 13.70 -4.73 -11.74
N GLY C 239 12.74 -3.81 -11.85
CA GLY C 239 12.39 -3.20 -13.13
C GLY C 239 12.78 -1.74 -13.16
N PRO C 240 12.25 -0.96 -14.11
CA PRO C 240 12.64 0.46 -14.16
C PRO C 240 12.21 1.22 -12.89
N ASN C 241 13.08 2.11 -12.41
CA ASN C 241 12.86 2.84 -11.17
C ASN C 241 11.98 4.06 -11.40
N LYS C 242 10.69 3.78 -11.64
CA LYS C 242 9.74 4.80 -12.06
C LYS C 242 9.32 5.66 -10.87
N PHE C 243 9.35 5.07 -9.67
CA PHE C 243 8.87 5.74 -8.47
C PHE C 243 9.87 5.56 -7.33
N PRO C 244 10.91 6.42 -7.29
CA PRO C 244 11.89 6.41 -6.21
C PRO C 244 11.24 6.60 -4.85
N GLY C 245 11.82 6.00 -3.82
CA GLY C 245 11.31 6.15 -2.46
C GLY C 245 11.72 7.45 -1.78
N GLY C 246 11.19 7.67 -0.58
CA GLY C 246 11.58 8.81 0.26
C GLY C 246 10.59 9.94 0.33
N GLU C 247 10.66 10.68 1.43
CA GLU C 247 9.86 11.90 1.66
C GLU C 247 10.02 12.95 0.56
N THR C 248 11.25 13.14 0.09
CA THR C 248 11.59 14.15 -0.90
C THR C 248 10.84 13.93 -2.21
N GLU C 249 10.95 12.73 -2.73
CA GLU C 249 10.24 12.34 -3.96
C GLU C 249 8.73 12.38 -3.76
N ALA C 250 8.28 12.07 -2.55
CA ALA C 250 6.87 12.14 -2.20
C ALA C 250 6.34 13.56 -2.30
N LEU C 251 7.06 14.50 -1.69
CA LEU C 251 6.69 15.90 -1.70
C LEU C 251 6.77 16.46 -3.13
N ARG C 252 7.85 16.15 -3.84
CA ARG C 252 8.01 16.58 -5.22
C ARG C 252 6.86 16.08 -6.07
N ARG C 253 6.48 14.81 -5.90
CA ARG C 253 5.43 14.21 -6.73
C ARG C 253 4.06 14.79 -6.42
N MET C 254 3.78 15.05 -5.15
CA MET C 254 2.52 15.68 -4.76
C MET C 254 2.37 17.03 -5.46
N GLU C 255 3.44 17.83 -5.43
CA GLU C 255 3.44 19.14 -6.07
C GLU C 255 3.21 19.09 -7.58
N GLU C 256 3.80 18.09 -8.24
CA GLU C 256 3.53 17.85 -9.66
C GLU C 256 2.08 17.39 -9.87
N SER C 257 1.64 16.46 -9.03
CA SER C 257 0.28 15.92 -9.07
C SER C 257 -0.81 16.97 -8.84
N LEU C 258 -0.48 18.02 -8.08
CA LEU C 258 -1.47 19.06 -7.75
C LEU C 258 -1.20 20.39 -8.46
N LYS C 259 -0.22 20.42 -9.35
CA LYS C 259 0.11 21.65 -10.08
C LYS C 259 -1.12 22.13 -10.86
N ASP C 260 -1.78 21.20 -11.56
CA ASP C 260 -2.96 21.50 -12.36
C ASP C 260 -4.21 21.43 -11.50
N GLU C 261 -4.57 22.56 -10.88
CA GLU C 261 -5.68 22.60 -9.93
C GLU C 261 -7.05 22.33 -10.53
N ILE C 262 -7.22 22.65 -11.81
CA ILE C 262 -8.46 22.33 -12.51
C ILE C 262 -8.62 20.82 -12.65
N TRP C 263 -7.53 20.15 -13.00
CA TRP C 263 -7.52 18.69 -13.07
C TRP C 263 -7.92 18.08 -11.74
N VAL C 264 -7.34 18.58 -10.65
CA VAL C 264 -7.62 18.07 -9.31
C VAL C 264 -9.09 18.25 -8.95
N ALA C 265 -9.61 19.47 -9.12
CA ALA C 265 -11.00 19.76 -8.79
C ALA C 265 -11.98 18.81 -9.46
N ARG C 266 -11.81 18.60 -10.77
CA ARG C 266 -12.75 17.80 -11.56
C ARG C 266 -12.42 16.30 -11.53
N PHE C 267 -11.37 15.93 -10.80
CA PHE C 267 -10.92 14.55 -10.68
C PHE C 267 -12.07 13.63 -10.31
N GLU C 268 -12.31 12.62 -11.16
CA GLU C 268 -13.23 11.55 -10.84
C GLU C 268 -12.54 10.22 -11.17
N LYS C 269 -12.34 9.40 -10.15
CA LYS C 269 -11.55 8.18 -10.29
C LYS C 269 -12.03 7.29 -11.44
N PRO C 270 -13.36 7.06 -11.57
CA PRO C 270 -13.86 6.22 -12.68
C PRO C 270 -13.53 6.69 -14.10
N ASN C 271 -13.23 7.97 -14.27
CA ASN C 271 -12.80 8.50 -15.58
C ASN C 271 -11.29 8.48 -15.78
N THR C 272 -10.53 7.85 -14.88
CA THR C 272 -9.09 7.72 -15.06
C THR C 272 -8.78 6.38 -15.71
N ALA C 273 -7.89 6.41 -16.70
CA ALA C 273 -7.55 5.23 -17.49
C ALA C 273 -6.75 4.20 -16.69
N PRO C 274 -7.06 2.90 -16.86
CA PRO C 274 -6.22 1.84 -16.30
C PRO C 274 -5.03 1.49 -17.17
N ASN C 275 -5.05 1.92 -18.44
CA ASN C 275 -4.07 1.44 -19.43
C ASN C 275 -3.41 2.56 -20.24
N SER C 276 -3.48 3.79 -19.72
CA SER C 276 -2.70 4.87 -20.26
C SER C 276 -1.25 4.55 -19.93
N LEU C 277 -0.35 4.78 -20.87
CA LEU C 277 1.06 4.48 -20.68
C LEU C 277 1.61 5.27 -19.52
N GLU C 278 1.26 6.55 -19.45
CA GLU C 278 1.53 7.35 -18.25
C GLU C 278 0.44 7.08 -17.23
N PRO C 279 0.80 7.01 -15.94
CA PRO C 279 -0.24 6.84 -14.92
C PRO C 279 -1.20 8.01 -14.97
N SER C 280 -2.50 7.74 -14.93
CA SER C 280 -3.52 8.78 -15.02
C SER C 280 -4.00 9.26 -13.66
N THR C 281 -3.44 8.71 -12.59
CA THR C 281 -3.75 9.14 -11.21
C THR C 281 -2.47 9.63 -10.55
N THR C 282 -2.49 9.94 -9.25
CA THR C 282 -1.36 10.61 -8.60
C THR C 282 -0.15 9.70 -8.34
N VAL C 283 -0.41 8.40 -8.21
CA VAL C 283 0.62 7.43 -7.81
C VAL C 283 1.33 7.90 -6.55
N LEU C 284 0.56 8.31 -5.56
CA LEU C 284 1.12 8.67 -4.27
C LEU C 284 0.92 7.54 -3.25
N SER C 285 0.33 6.43 -3.70
CA SER C 285 0.03 5.30 -2.80
C SER C 285 1.24 4.72 -2.08
N PRO C 286 2.37 4.55 -2.79
CA PRO C 286 3.49 3.94 -2.08
C PRO C 286 4.05 4.91 -1.04
N TYR C 287 3.94 6.20 -1.33
CA TYR C 287 4.44 7.22 -0.44
C TYR C 287 3.54 7.30 0.79
N LEU C 288 2.25 7.12 0.59
CA LEU C 288 1.30 7.11 1.70
C LEU C 288 1.42 5.83 2.52
N LYS C 289 1.89 4.75 1.90
CA LYS C 289 1.94 3.45 2.55
C LYS C 289 3.12 3.40 3.52
N PHE C 290 4.26 3.92 3.08
CA PHE C 290 5.44 4.00 3.93
C PHE C 290 5.40 5.23 4.84
N GLY C 291 4.50 6.17 4.54
CA GLY C 291 4.35 7.37 5.34
C GLY C 291 5.39 8.40 4.98
N CYS C 292 5.89 8.35 3.74
CA CYS C 292 6.80 9.35 3.22
C CYS C 292 6.04 10.64 3.00
N LEU C 293 4.78 10.50 2.60
CA LEU C 293 3.85 11.59 2.52
C LEU C 293 2.77 11.39 3.58
N SER C 294 2.47 12.44 4.33
CA SER C 294 1.39 12.45 5.28
C SER C 294 0.06 12.52 4.55
N ALA C 295 -0.85 11.60 4.86
CA ALA C 295 -2.22 11.68 4.38
C ALA C 295 -2.89 12.99 4.79
N ARG C 296 -2.54 13.48 5.99
CA ARG C 296 -3.11 14.71 6.54
C ARG C 296 -2.67 15.96 5.78
N LEU C 297 -1.39 16.05 5.47
CA LEU C 297 -0.86 17.16 4.66
C LEU C 297 -1.46 17.15 3.26
N PHE C 298 -1.54 15.96 2.68
CA PHE C 298 -2.07 15.75 1.34
C PHE C 298 -3.54 16.14 1.33
N ASN C 299 -4.26 15.75 2.37
CA ASN C 299 -5.64 16.16 2.55
C ASN C 299 -5.79 17.68 2.61
N GLN C 300 -4.85 18.33 3.31
CA GLN C 300 -4.93 19.77 3.49
C GLN C 300 -4.61 20.55 2.23
N LYS C 301 -3.63 20.07 1.44
CA LYS C 301 -3.34 20.68 0.14
C LYS C 301 -4.54 20.59 -0.80
N LEU C 302 -5.23 19.46 -0.78
CA LEU C 302 -6.46 19.31 -1.54
C LEU C 302 -7.54 20.28 -1.08
N LYS C 303 -7.75 20.36 0.24
CA LYS C 303 -8.74 21.27 0.80
C LYS C 303 -8.46 22.74 0.46
N GLU C 304 -7.19 23.08 0.26
CA GLU C 304 -6.80 24.42 -0.19
C GLU C 304 -7.12 24.64 -1.66
N ILE C 305 -7.00 23.58 -2.46
CA ILE C 305 -7.39 23.63 -3.86
C ILE C 305 -8.92 23.76 -3.98
N ILE C 306 -9.64 23.04 -3.12
CA ILE C 306 -11.11 23.12 -3.08
C ILE C 306 -11.61 24.55 -2.89
N LYS C 307 -10.94 25.30 -2.01
CA LYS C 307 -11.29 26.69 -1.77
C LYS C 307 -11.18 27.51 -3.04
N ARG C 308 -10.05 27.41 -3.73
CA ARG C 308 -9.82 28.15 -4.98
C ARG C 308 -10.65 27.62 -6.15
N GLN C 309 -11.11 26.37 -6.04
CA GLN C 309 -11.89 25.74 -7.11
C GLN C 309 -13.21 25.20 -6.55
N PRO C 310 -14.16 26.11 -6.22
CA PRO C 310 -15.44 25.70 -5.61
C PRO C 310 -16.30 24.74 -6.45
N LYS C 311 -16.15 24.75 -7.77
CA LYS C 311 -16.74 23.71 -8.61
C LYS C 311 -15.76 22.55 -8.66
N HIS C 312 -16.11 21.47 -7.96
CA HIS C 312 -15.22 20.35 -7.78
C HIS C 312 -15.98 19.07 -7.49
N SER C 313 -15.37 17.94 -7.81
CA SER C 313 -15.94 16.64 -7.55
C SER C 313 -16.04 16.37 -6.05
N GLN C 314 -16.99 15.53 -5.67
CA GLN C 314 -17.20 15.12 -4.29
C GLN C 314 -16.81 13.67 -4.11
N PRO C 315 -16.72 13.22 -2.85
CA PRO C 315 -16.71 11.78 -2.61
C PRO C 315 -17.97 11.15 -3.21
N PRO C 316 -17.89 9.86 -3.59
CA PRO C 316 -16.76 8.96 -3.47
C PRO C 316 -15.68 9.06 -4.56
N VAL C 317 -15.89 9.87 -5.59
CA VAL C 317 -15.04 9.80 -6.78
C VAL C 317 -13.88 10.81 -6.81
N SER C 318 -13.99 11.89 -6.03
CA SER C 318 -12.95 12.93 -5.95
C SER C 318 -11.68 12.41 -5.27
N LEU C 319 -10.63 13.23 -5.30
CA LEU C 319 -9.34 12.84 -4.70
C LEU C 319 -9.40 12.76 -3.19
N ILE C 320 -9.99 13.77 -2.55
CA ILE C 320 -10.26 13.68 -1.11
C ILE C 320 -11.02 12.39 -0.81
N GLY C 321 -11.98 12.05 -1.66
CA GLY C 321 -12.75 10.82 -1.53
C GLY C 321 -11.91 9.56 -1.58
N GLN C 322 -10.82 9.61 -2.35
CA GLN C 322 -9.88 8.49 -2.43
C GLN C 322 -9.12 8.32 -1.12
N LEU C 323 -8.76 9.44 -0.51
CA LEU C 323 -8.19 9.42 0.84
C LEU C 323 -9.20 8.88 1.84
N MET C 324 -10.46 9.26 1.70
CA MET C 324 -11.50 8.77 2.61
C MET C 324 -11.71 7.27 2.47
N TRP C 325 -11.53 6.74 1.26
CA TRP C 325 -11.52 5.29 1.06
C TRP C 325 -10.41 4.61 1.86
N ARG C 326 -9.22 5.20 1.82
CA ARG C 326 -8.09 4.73 2.63
C ARG C 326 -8.51 4.70 4.10
N GLU C 327 -9.06 5.81 4.57
CA GLU C 327 -9.55 5.95 5.94
C GLU C 327 -10.59 4.88 6.27
N PHE C 328 -11.55 4.72 5.36
CA PHE C 328 -12.64 3.76 5.53
C PHE C 328 -12.12 2.34 5.75
N TYR C 329 -11.29 1.88 4.83
CA TYR C 329 -10.77 0.53 4.92
C TYR C 329 -9.94 0.33 6.18
N TYR C 330 -9.22 1.38 6.60
CA TYR C 330 -8.44 1.33 7.84
C TYR C 330 -9.36 1.18 9.07
N THR C 331 -10.50 1.86 9.07
CA THR C 331 -11.45 1.74 10.17
C THR C 331 -11.99 0.31 10.31
N VAL C 332 -12.59 -0.21 9.24
CA VAL C 332 -13.16 -1.55 9.30
C VAL C 332 -12.11 -2.59 9.64
N ALA C 333 -10.92 -2.44 9.05
CA ALA C 333 -9.81 -3.35 9.30
C ALA C 333 -9.40 -3.29 10.75
N ALA C 334 -9.37 -2.09 11.32
CA ALA C 334 -9.00 -1.89 12.71
C ALA C 334 -9.86 -2.70 13.67
N ALA C 335 -11.10 -2.95 13.27
CA ALA C 335 -12.06 -3.65 14.12
C ALA C 335 -11.99 -5.17 14.02
N GLU C 336 -11.15 -5.71 13.13
CA GLU C 336 -11.20 -7.12 12.75
C GLU C 336 -9.82 -7.69 12.40
N PRO C 337 -9.21 -8.47 13.32
CA PRO C 337 -7.87 -9.03 13.06
C PRO C 337 -7.79 -10.08 11.96
N ASN C 338 -8.92 -10.69 11.60
CA ASN C 338 -8.98 -11.62 10.45
C ASN C 338 -9.35 -10.93 9.13
N PHE C 339 -9.16 -9.61 9.05
CA PHE C 339 -9.56 -8.81 7.90
C PHE C 339 -8.90 -9.26 6.57
N ASP C 340 -7.67 -9.76 6.65
CA ASP C 340 -6.93 -10.25 5.47
C ASP C 340 -7.30 -11.70 5.07
N ARG C 341 -8.35 -12.23 5.68
CA ARG C 341 -8.67 -13.65 5.60
C ARG C 341 -10.17 -13.81 5.47
N MET C 342 -10.61 -14.81 4.70
CA MET C 342 -12.04 -15.08 4.54
C MET C 342 -12.66 -15.65 5.83
N LEU C 343 -11.99 -16.65 6.39
CA LEU C 343 -12.50 -17.38 7.54
C LEU C 343 -12.26 -16.60 8.84
N GLY C 344 -13.32 -16.38 9.61
CA GLY C 344 -13.24 -15.62 10.87
C GLY C 344 -13.44 -14.13 10.70
N ASN C 345 -13.67 -13.71 9.45
CA ASN C 345 -13.86 -12.32 9.09
C ASN C 345 -15.35 -11.97 9.15
N VAL C 346 -15.73 -11.12 10.11
CA VAL C 346 -17.12 -10.69 10.28
C VAL C 346 -17.75 -10.08 9.02
N TYR C 347 -16.94 -9.40 8.22
CA TYR C 347 -17.42 -8.72 7.02
C TYR C 347 -17.57 -9.68 5.85
N CYS C 348 -16.81 -10.76 5.87
CA CYS C 348 -16.55 -11.50 4.64
C CYS C 348 -17.60 -12.55 4.33
N MET C 349 -18.07 -12.51 3.09
CA MET C 349 -18.94 -13.54 2.55
C MET C 349 -18.13 -14.85 2.47
N GLN C 350 -18.74 -15.95 2.90
CA GLN C 350 -18.10 -17.27 2.83
C GLN C 350 -18.39 -17.93 1.49
N ILE C 351 -17.37 -18.00 0.64
CA ILE C 351 -17.54 -18.43 -0.75
C ILE C 351 -16.62 -19.62 -1.04
N PRO C 352 -17.16 -20.70 -1.63
CA PRO C 352 -16.39 -21.93 -1.85
C PRO C 352 -15.42 -21.82 -3.03
N TRP C 353 -14.32 -21.10 -2.85
CA TRP C 353 -13.32 -20.92 -3.91
C TRP C 353 -12.62 -22.24 -4.20
N GLN C 354 -12.11 -22.38 -5.43
CA GLN C 354 -11.38 -23.57 -5.84
C GLN C 354 -9.87 -23.38 -5.70
N GLU C 355 -9.18 -24.45 -5.36
CA GLU C 355 -7.74 -24.51 -5.47
C GLU C 355 -7.52 -24.87 -6.93
N HIS C 356 -6.65 -24.14 -7.61
CA HIS C 356 -6.30 -24.44 -9.00
C HIS C 356 -4.91 -23.86 -9.29
N PRO C 357 -3.85 -24.62 -8.93
CA PRO C 357 -2.47 -24.14 -9.05
C PRO C 357 -2.09 -23.64 -10.44
N ASP C 358 -2.52 -24.33 -11.48
CA ASP C 358 -2.13 -23.99 -12.83
C ASP C 358 -2.64 -22.61 -13.22
N HIS C 359 -3.90 -22.33 -12.89
CA HIS C 359 -4.54 -21.06 -13.21
C HIS C 359 -4.02 -19.92 -12.34
N LEU C 360 -3.74 -20.22 -11.06
CA LEU C 360 -3.11 -19.25 -10.19
C LEU C 360 -1.73 -18.85 -10.71
N GLU C 361 -0.97 -19.86 -11.13
CA GLU C 361 0.38 -19.66 -11.64
C GLU C 361 0.34 -18.83 -12.93
N ALA C 362 -0.66 -19.08 -13.77
CA ALA C 362 -0.79 -18.35 -15.03
C ALA C 362 -1.19 -16.90 -14.77
N TRP C 363 -2.17 -16.69 -13.90
CA TRP C 363 -2.54 -15.33 -13.51
C TRP C 363 -1.33 -14.61 -12.91
N THR C 364 -0.65 -15.28 -11.99
CA THR C 364 0.47 -14.68 -11.27
C THR C 364 1.58 -14.16 -12.19
N HIS C 365 1.84 -14.85 -13.29
CA HIS C 365 2.95 -14.48 -14.18
C HIS C 365 2.51 -13.88 -15.51
N GLY C 366 1.28 -13.40 -15.58
CA GLY C 366 0.76 -12.79 -16.79
C GLY C 366 0.77 -13.73 -17.99
N ARG C 367 0.40 -14.98 -17.76
CA ARG C 367 0.35 -16.00 -18.81
C ARG C 367 -1.05 -16.61 -18.91
N THR C 368 -2.07 -15.75 -18.78
CA THR C 368 -3.49 -16.13 -18.86
C THR C 368 -4.01 -16.27 -20.29
N GLY C 369 -3.31 -15.66 -21.24
CA GLY C 369 -3.74 -15.65 -22.63
C GLY C 369 -4.73 -14.56 -22.98
N TYR C 370 -5.19 -13.81 -21.97
CA TYR C 370 -5.93 -12.57 -22.18
C TYR C 370 -4.91 -11.45 -22.10
N PRO C 371 -4.56 -10.85 -23.26
CA PRO C 371 -3.51 -9.85 -23.31
C PRO C 371 -3.65 -8.69 -22.33
N PHE C 372 -4.87 -8.21 -22.11
CA PHE C 372 -5.10 -7.11 -21.19
C PHE C 372 -4.69 -7.48 -19.78
N ILE C 373 -5.13 -8.66 -19.36
CA ILE C 373 -4.81 -9.17 -18.03
C ILE C 373 -3.32 -9.38 -17.89
N ASP C 374 -2.75 -10.04 -18.90
CA ASP C 374 -1.32 -10.33 -18.90
C ASP C 374 -0.49 -9.05 -18.91
N ALA C 375 -0.95 -8.06 -19.67
CA ALA C 375 -0.29 -6.76 -19.71
C ALA C 375 -0.17 -6.18 -18.31
N ILE C 376 -1.28 -6.23 -17.58
CA ILE C 376 -1.35 -5.64 -16.25
C ILE C 376 -0.46 -6.37 -15.25
N MET C 377 -0.51 -7.70 -15.23
CA MET C 377 0.27 -8.50 -14.28
C MET C 377 1.75 -8.35 -14.53
N ARG C 378 2.12 -8.11 -15.78
CA ARG C 378 3.52 -7.87 -16.11
C ARG C 378 3.97 -6.47 -15.70
N GLN C 379 3.15 -5.45 -15.97
CA GLN C 379 3.45 -4.10 -15.45
C GLN C 379 3.59 -4.18 -13.95
N LEU C 380 2.63 -4.83 -13.29
CA LEU C 380 2.67 -4.99 -11.85
C LEU C 380 4.00 -5.60 -11.40
N ARG C 381 4.37 -6.74 -11.99
CA ARG C 381 5.62 -7.44 -11.62
C ARG C 381 6.85 -6.57 -11.85
N GLN C 382 6.90 -5.92 -13.00
CA GLN C 382 8.07 -5.17 -13.42
C GLN C 382 8.23 -3.83 -12.68
N GLU C 383 7.14 -3.10 -12.52
CA GLU C 383 7.19 -1.75 -11.98
C GLU C 383 6.65 -1.62 -10.56
N GLY C 384 5.78 -2.54 -10.16
CA GLY C 384 5.30 -2.57 -8.78
C GLY C 384 4.18 -1.60 -8.48
N TRP C 385 3.64 -0.96 -9.51
CA TRP C 385 2.42 -0.18 -9.41
C TRP C 385 1.57 -0.41 -10.65
N ILE C 386 0.25 -0.50 -10.46
CA ILE C 386 -0.69 -0.48 -11.56
C ILE C 386 -1.89 0.38 -11.17
N HIS C 387 -2.63 0.86 -12.16
CA HIS C 387 -3.76 1.74 -11.89
C HIS C 387 -4.87 0.97 -11.20
N HIS C 388 -5.67 1.68 -10.41
CA HIS C 388 -6.75 1.08 -9.62
C HIS C 388 -7.67 0.17 -10.43
N LEU C 389 -8.15 0.68 -11.56
CA LEU C 389 -9.04 -0.09 -12.43
C LEU C 389 -8.33 -1.25 -13.14
N ALA C 390 -7.01 -1.16 -13.25
CA ALA C 390 -6.20 -2.28 -13.74
C ALA C 390 -6.19 -3.38 -12.68
N ARG C 391 -6.14 -2.96 -11.42
CA ARG C 391 -6.25 -3.90 -10.31
C ARG C 391 -7.63 -4.53 -10.30
N HIS C 392 -8.65 -3.72 -10.54
CA HIS C 392 -10.02 -4.20 -10.68
C HIS C 392 -10.09 -5.32 -11.70
N ALA C 393 -9.58 -5.05 -12.90
CA ALA C 393 -9.68 -6.01 -14.00
C ALA C 393 -9.05 -7.36 -13.67
N VAL C 394 -7.85 -7.33 -13.08
CA VAL C 394 -7.14 -8.59 -12.79
C VAL C 394 -7.71 -9.29 -11.56
N ALA C 395 -8.12 -8.51 -10.56
CA ALA C 395 -8.73 -9.09 -9.36
C ALA C 395 -10.08 -9.74 -9.67
N CYS C 396 -10.91 -9.06 -10.47
CA CYS C 396 -12.18 -9.63 -10.91
C CYS C 396 -11.95 -10.91 -11.67
N PHE C 397 -10.95 -10.89 -12.54
CA PHE C 397 -10.59 -12.05 -13.35
C PHE C 397 -10.15 -13.25 -12.50
N LEU C 398 -9.33 -13.02 -11.48
CA LEU C 398 -8.83 -14.11 -10.63
C LEU C 398 -9.94 -14.75 -9.81
N THR C 399 -10.84 -13.91 -9.30
CA THR C 399 -11.83 -14.33 -8.33
C THR C 399 -13.16 -14.64 -9.02
N ARG C 400 -14.18 -13.82 -8.76
CA ARG C 400 -15.55 -14.12 -9.17
C ARG C 400 -15.79 -14.07 -10.66
N GLY C 401 -14.94 -13.37 -11.40
CA GLY C 401 -15.14 -13.17 -12.82
C GLY C 401 -14.85 -14.40 -13.65
N ASP C 402 -13.65 -14.96 -13.48
CA ASP C 402 -13.21 -16.05 -14.36
C ASP C 402 -12.65 -17.30 -13.63
N LEU C 403 -11.56 -17.14 -12.88
CA LEU C 403 -10.82 -18.30 -12.37
C LEU C 403 -11.40 -18.93 -11.11
N TRP C 404 -12.27 -18.20 -10.41
CA TRP C 404 -12.91 -18.68 -9.18
C TRP C 404 -11.86 -19.07 -8.11
N ILE C 405 -10.79 -18.29 -8.04
CA ILE C 405 -9.72 -18.51 -7.08
C ILE C 405 -9.83 -17.48 -5.96
N SER C 406 -9.57 -17.91 -4.74
CA SER C 406 -9.74 -17.06 -3.57
C SER C 406 -8.99 -15.75 -3.68
N TRP C 407 -9.65 -14.67 -3.26
CA TRP C 407 -9.05 -13.35 -3.16
C TRP C 407 -7.79 -13.33 -2.28
N GLU C 408 -7.71 -14.27 -1.33
CA GLU C 408 -6.54 -14.39 -0.45
C GLU C 408 -5.26 -14.66 -1.23
N GLU C 409 -5.39 -15.36 -2.36
CA GLU C 409 -4.25 -15.63 -3.24
C GLU C 409 -3.81 -14.36 -3.98
N GLY C 410 -4.77 -13.69 -4.61
CA GLY C 410 -4.50 -12.44 -5.28
C GLY C 410 -3.85 -11.43 -4.35
N GLN C 411 -4.39 -11.35 -3.13
CA GLN C 411 -3.83 -10.54 -2.06
C GLN C 411 -2.34 -10.83 -1.87
N ARG C 412 -1.99 -12.10 -1.72
CA ARG C 412 -0.60 -12.50 -1.45
C ARG C 412 0.36 -12.16 -2.60
N VAL C 413 -0.14 -12.17 -3.83
CA VAL C 413 0.64 -11.78 -4.99
C VAL C 413 0.84 -10.27 -5.00
N PHE C 414 -0.26 -9.53 -4.93
CA PHE C 414 -0.22 -8.08 -4.82
C PHE C 414 0.71 -7.66 -3.67
N GLU C 415 0.56 -8.32 -2.54
CA GLU C 415 1.41 -8.09 -1.38
C GLU C 415 2.89 -8.20 -1.72
N GLN C 416 3.26 -9.17 -2.55
CA GLN C 416 4.64 -9.31 -2.99
C GLN C 416 5.06 -8.20 -3.96
N LEU C 417 4.20 -7.94 -4.95
CA LEU C 417 4.58 -7.13 -6.10
C LEU C 417 4.34 -5.62 -5.93
N LEU C 418 3.38 -5.24 -5.09
CA LEU C 418 3.03 -3.81 -4.94
C LEU C 418 4.05 -3.03 -4.13
N LEU C 419 4.52 -1.92 -4.69
CA LEU C 419 5.22 -0.91 -3.89
C LEU C 419 4.32 -0.45 -2.75
N ASP C 420 3.04 -0.27 -3.04
CA ASP C 420 2.10 0.28 -2.07
C ASP C 420 1.34 -0.76 -1.25
N GLN C 421 1.82 -2.00 -1.18
CA GLN C 421 1.04 -3.00 -0.44
C GLN C 421 0.74 -2.45 0.95
N ASP C 422 -0.53 -2.49 1.31
CA ASP C 422 -0.99 -2.03 2.60
C ASP C 422 -2.01 -3.07 3.07
N TRP C 423 -1.73 -3.66 4.22
CA TRP C 423 -2.53 -4.75 4.77
C TRP C 423 -4.03 -4.47 4.69
N ALA C 424 -4.46 -3.35 5.28
CA ALA C 424 -5.87 -2.98 5.30
C ALA C 424 -6.43 -2.72 3.89
N LEU C 425 -5.68 -2.00 3.08
CA LEU C 425 -6.15 -1.59 1.75
C LEU C 425 -6.20 -2.74 0.77
N ASN C 426 -5.13 -3.53 0.76
CA ASN C 426 -5.05 -4.72 -0.09
C ASN C 426 -6.20 -5.66 0.26
N ALA C 427 -6.37 -5.97 1.55
CA ALA C 427 -7.43 -6.87 2.00
C ALA C 427 -8.80 -6.37 1.60
N GLY C 428 -9.11 -5.14 2.01
CA GLY C 428 -10.42 -4.54 1.76
C GLY C 428 -10.80 -4.50 0.30
N ASN C 429 -9.90 -3.97 -0.53
CA ASN C 429 -10.13 -3.89 -1.98
C ASN C 429 -10.26 -5.26 -2.65
N TRP C 430 -9.50 -6.25 -2.15
CA TRP C 430 -9.65 -7.62 -2.63
C TRP C 430 -11.02 -8.21 -2.29
N MET C 431 -11.51 -7.93 -1.08
CA MET C 431 -12.85 -8.37 -0.68
C MET C 431 -13.92 -7.66 -1.49
N TRP C 432 -13.67 -6.40 -1.85
CA TRP C 432 -14.57 -5.65 -2.72
C TRP C 432 -14.65 -6.33 -4.09
N LEU C 433 -13.52 -6.54 -4.72
CA LEU C 433 -13.50 -7.00 -6.12
C LEU C 433 -14.03 -8.42 -6.30
N SER C 434 -13.92 -9.23 -5.26
CA SER C 434 -14.48 -10.59 -5.26
C SER C 434 -15.93 -10.56 -4.80
N ALA C 435 -16.45 -9.36 -4.52
CA ALA C 435 -17.75 -9.19 -3.93
C ALA C 435 -17.94 -10.07 -2.68
N SER C 436 -16.88 -10.17 -1.88
CA SER C 436 -16.94 -10.87 -0.60
C SER C 436 -17.40 -9.93 0.52
N ALA C 437 -17.15 -8.65 0.38
CA ALA C 437 -17.64 -7.66 1.34
C ALA C 437 -17.69 -6.29 0.71
N PHE C 438 -18.55 -5.41 1.25
CA PHE C 438 -18.66 -4.01 0.82
C PHE C 438 -19.31 -3.85 -0.56
N PHE C 439 -18.81 -4.55 -1.56
CA PHE C 439 -19.47 -4.62 -2.87
C PHE C 439 -20.21 -5.95 -3.00
N HIS C 440 -21.46 -5.89 -3.45
CA HIS C 440 -22.31 -7.08 -3.57
C HIS C 440 -23.03 -7.25 -4.92
N GLN C 441 -22.77 -6.36 -5.87
CA GLN C 441 -23.43 -6.42 -7.19
C GLN C 441 -22.63 -7.29 -8.15
N TYR C 442 -22.55 -8.58 -7.82
CA TYR C 442 -21.73 -9.54 -8.57
C TYR C 442 -22.17 -9.77 -10.02
N PHE C 443 -23.29 -9.20 -10.43
CA PHE C 443 -23.75 -9.28 -11.83
C PHE C 443 -22.99 -8.28 -12.72
N ARG C 444 -22.38 -7.28 -12.11
CA ARG C 444 -21.39 -6.44 -12.80
C ARG C 444 -20.04 -7.16 -12.81
N VAL C 445 -19.67 -7.69 -13.97
CA VAL C 445 -18.40 -8.40 -14.12
C VAL C 445 -17.60 -7.75 -15.23
N TYR C 446 -16.35 -7.39 -14.96
CA TYR C 446 -15.48 -6.80 -15.97
C TYR C 446 -15.17 -7.80 -17.06
N SER C 447 -15.05 -7.31 -18.29
CA SER C 447 -14.63 -8.14 -19.40
C SER C 447 -13.14 -7.95 -19.63
N PRO C 448 -12.36 -9.03 -19.58
CA PRO C 448 -10.93 -8.91 -19.86
C PRO C 448 -10.61 -8.55 -21.31
N VAL C 449 -11.59 -8.69 -22.20
CA VAL C 449 -11.46 -8.30 -23.61
C VAL C 449 -11.94 -6.86 -23.85
N ALA C 450 -13.08 -6.51 -23.25
CA ALA C 450 -13.78 -5.27 -23.57
C ALA C 450 -13.34 -4.05 -22.74
N PHE C 451 -12.99 -4.29 -21.48
CA PHE C 451 -12.79 -3.19 -20.53
C PHE C 451 -11.74 -2.15 -20.99
N GLY C 452 -10.56 -2.61 -21.37
CA GLY C 452 -9.48 -1.71 -21.76
C GLY C 452 -9.62 -0.98 -23.09
N LYS C 453 -10.57 -1.41 -23.93
CA LYS C 453 -10.74 -0.82 -25.27
C LYS C 453 -11.12 0.66 -25.24
N LYS C 454 -11.96 1.05 -24.28
CA LYS C 454 -12.44 2.44 -24.18
C LYS C 454 -11.32 3.45 -24.05
N THR C 455 -10.26 3.08 -23.33
CA THR C 455 -9.15 3.99 -23.03
C THR C 455 -7.87 3.68 -23.80
N ASP C 456 -7.80 2.48 -24.39
CA ASP C 456 -6.65 2.09 -25.22
C ASP C 456 -7.14 1.23 -26.38
N PRO C 457 -7.90 1.84 -27.32
CA PRO C 457 -8.45 1.12 -28.47
C PRO C 457 -7.37 0.52 -29.40
N GLN C 458 -6.20 1.14 -29.42
CA GLN C 458 -5.07 0.64 -30.20
C GLN C 458 -4.25 -0.45 -29.46
N GLY C 459 -4.42 -0.54 -28.14
CA GLY C 459 -3.72 -1.55 -27.36
C GLY C 459 -2.26 -1.25 -27.10
N HIS C 460 -1.88 0.02 -27.16
CA HIS C 460 -0.51 0.46 -26.88
C HIS C 460 0.02 -0.16 -25.58
N TYR C 461 -0.83 -0.18 -24.56
CA TYR C 461 -0.50 -0.76 -23.27
C TYR C 461 -0.10 -2.23 -23.40
N ILE C 462 -0.89 -2.98 -24.17
CA ILE C 462 -0.62 -4.40 -24.41
C ILE C 462 0.63 -4.58 -25.26
N ARG C 463 0.78 -3.75 -26.28
CA ARG C 463 1.97 -3.79 -27.14
C ARG C 463 3.26 -3.59 -26.35
N LYS C 464 3.16 -2.85 -25.23
CA LYS C 464 4.32 -2.51 -24.42
C LYS C 464 4.68 -3.65 -23.48
N TYR C 465 3.70 -4.15 -22.73
CA TYR C 465 3.97 -5.16 -21.73
C TYR C 465 3.81 -6.61 -22.22
N VAL C 466 3.25 -6.76 -23.41
CA VAL C 466 3.18 -8.07 -24.06
C VAL C 466 3.76 -7.91 -25.47
N PRO C 467 5.08 -7.66 -25.55
CA PRO C 467 5.71 -7.29 -26.83
C PRO C 467 5.52 -8.33 -27.95
N GLU C 468 5.48 -9.61 -27.59
CA GLU C 468 5.19 -10.68 -28.56
C GLU C 468 3.94 -10.41 -29.43
N LEU C 469 2.94 -9.72 -28.88
CA LEU C 469 1.70 -9.42 -29.61
C LEU C 469 1.70 -8.04 -30.27
N SER C 470 2.83 -7.34 -30.20
CA SER C 470 2.86 -5.92 -30.57
C SER C 470 2.71 -5.66 -32.07
N LYS C 471 2.63 -6.70 -32.88
CA LYS C 471 2.36 -6.54 -34.31
C LYS C 471 0.93 -6.96 -34.72
N TYR C 472 0.11 -7.38 -33.75
CA TYR C 472 -1.30 -7.72 -34.01
C TYR C 472 -2.10 -6.46 -34.33
N PRO C 473 -3.11 -6.58 -35.22
CA PRO C 473 -3.97 -5.43 -35.42
C PRO C 473 -4.84 -5.18 -34.20
N ALA C 474 -5.22 -3.92 -33.98
CA ALA C 474 -6.03 -3.54 -32.82
C ALA C 474 -7.33 -4.33 -32.75
N GLY C 475 -7.92 -4.60 -33.91
CA GLY C 475 -9.16 -5.37 -34.02
C GLY C 475 -9.16 -6.73 -33.33
N CYS C 476 -7.98 -7.26 -33.03
CA CYS C 476 -7.94 -8.50 -32.25
C CYS C 476 -6.76 -8.63 -31.27
N ILE C 477 -6.06 -7.55 -30.95
CA ILE C 477 -4.98 -7.64 -29.96
C ILE C 477 -5.51 -8.03 -28.58
N TYR C 478 -6.72 -7.60 -28.24
CA TYR C 478 -7.38 -8.04 -27.00
C TYR C 478 -7.94 -9.46 -27.11
N GLU C 479 -8.07 -9.99 -28.33
CA GLU C 479 -8.67 -11.32 -28.57
C GLU C 479 -7.84 -12.10 -29.58
N PRO C 480 -6.57 -12.39 -29.25
CA PRO C 480 -5.69 -12.99 -30.28
C PRO C 480 -6.25 -14.29 -30.87
N TRP C 481 -6.96 -15.06 -30.06
CA TRP C 481 -7.62 -16.29 -30.49
C TRP C 481 -8.62 -16.14 -31.64
N LYS C 482 -8.86 -14.91 -32.12
CA LYS C 482 -9.70 -14.67 -33.29
C LYS C 482 -8.89 -14.55 -34.58
N ALA C 483 -7.57 -14.61 -34.46
CA ALA C 483 -6.69 -14.62 -35.62
C ALA C 483 -6.55 -16.05 -36.12
N SER C 484 -6.60 -16.23 -37.43
CA SER C 484 -6.30 -17.52 -38.04
C SER C 484 -4.84 -17.88 -37.74
N LEU C 485 -4.45 -19.11 -38.06
CA LEU C 485 -3.07 -19.50 -37.84
C LEU C 485 -2.14 -18.68 -38.74
N VAL C 486 -2.50 -18.56 -40.03
CA VAL C 486 -1.68 -17.75 -40.96
C VAL C 486 -1.61 -16.29 -40.56
N ASP C 487 -2.70 -15.75 -40.01
CA ASP C 487 -2.66 -14.39 -39.47
C ASP C 487 -1.59 -14.28 -38.37
N GLN C 488 -1.62 -15.20 -37.42
CA GLN C 488 -0.67 -15.21 -36.30
C GLN C 488 0.78 -15.26 -36.76
N ARG C 489 1.06 -16.08 -37.77
CA ARG C 489 2.40 -16.18 -38.35
C ARG C 489 2.86 -14.84 -38.91
N ALA C 490 1.98 -14.16 -39.64
CA ALA C 490 2.27 -12.85 -40.21
C ALA C 490 2.47 -11.79 -39.13
N TYR C 491 1.85 -11.99 -37.96
CA TYR C 491 2.03 -11.09 -36.82
C TYR C 491 3.22 -11.49 -35.96
N GLY C 492 3.88 -12.59 -36.32
CA GLY C 492 5.12 -13.02 -35.68
C GLY C 492 4.93 -13.56 -34.27
N CYS C 493 3.78 -14.17 -34.03
CA CYS C 493 3.45 -14.70 -32.71
C CYS C 493 2.29 -15.69 -32.78
N VAL C 494 2.63 -16.98 -32.83
CA VAL C 494 1.63 -18.05 -32.87
C VAL C 494 1.17 -18.42 -31.45
N LEU C 495 -0.14 -18.49 -31.27
CA LEU C 495 -0.74 -18.82 -29.97
C LEU C 495 -0.52 -20.28 -29.60
N GLY C 496 -0.11 -20.51 -28.35
CA GLY C 496 0.29 -21.82 -27.87
C GLY C 496 1.79 -22.03 -27.83
N THR C 497 2.55 -21.09 -28.42
CA THR C 497 4.00 -21.19 -28.57
C THR C 497 4.68 -19.91 -28.10
N ASP C 498 4.37 -18.80 -28.78
CA ASP C 498 4.95 -17.49 -28.47
C ASP C 498 4.15 -16.77 -27.39
N TYR C 499 2.86 -17.12 -27.28
CA TYR C 499 1.96 -16.54 -26.30
C TYR C 499 0.87 -17.58 -26.03
N PRO C 500 0.50 -17.76 -24.74
CA PRO C 500 -0.34 -18.91 -24.44
C PRO C 500 -1.78 -18.84 -24.94
N HIS C 501 -2.38 -20.01 -25.15
CA HIS C 501 -3.81 -20.12 -25.34
C HIS C 501 -4.48 -19.65 -24.06
N ARG C 502 -5.58 -18.91 -24.22
CA ARG C 502 -6.31 -18.43 -23.07
C ARG C 502 -6.74 -19.59 -22.18
N ILE C 503 -6.54 -19.46 -20.88
CA ILE C 503 -6.73 -20.57 -19.95
C ILE C 503 -8.21 -20.83 -19.61
N VAL C 504 -9.08 -19.85 -19.87
CA VAL C 504 -10.53 -20.05 -19.75
C VAL C 504 -11.27 -19.20 -20.78
N LYS C 505 -12.55 -19.54 -21.00
CA LYS C 505 -13.42 -18.79 -21.89
C LYS C 505 -14.34 -17.90 -21.07
N HIS C 506 -13.99 -16.62 -20.96
CA HIS C 506 -14.73 -15.66 -20.16
C HIS C 506 -16.24 -15.71 -20.38
N GLU C 507 -16.66 -15.63 -21.65
CA GLU C 507 -18.08 -15.62 -22.02
C GLU C 507 -18.90 -16.79 -21.45
N VAL C 508 -18.25 -17.90 -21.12
CA VAL C 508 -18.90 -19.02 -20.46
C VAL C 508 -18.77 -18.93 -18.94
N VAL C 509 -17.55 -18.77 -18.46
CA VAL C 509 -17.27 -18.91 -17.02
C VAL C 509 -17.82 -17.78 -16.15
N HIS C 510 -17.97 -16.57 -16.69
CA HIS C 510 -18.44 -15.45 -15.86
C HIS C 510 -19.93 -15.57 -15.53
N LYS C 511 -20.72 -16.05 -16.49
CA LYS C 511 -22.15 -16.33 -16.27
C LYS C 511 -22.27 -17.46 -15.26
N GLU C 512 -21.39 -18.42 -15.43
CA GLU C 512 -21.29 -19.62 -14.61
C GLU C 512 -20.96 -19.26 -13.16
N ASN C 513 -20.01 -18.34 -12.98
CA ASN C 513 -19.61 -17.88 -11.66
C ASN C 513 -20.67 -17.01 -10.99
N ILE C 514 -21.31 -16.15 -11.77
CA ILE C 514 -22.41 -15.34 -11.25
C ILE C 514 -23.42 -16.22 -10.51
N LYS C 515 -23.68 -17.41 -11.05
CA LYS C 515 -24.61 -18.35 -10.43
C LYS C 515 -24.04 -19.02 -9.18
N ARG C 516 -22.72 -19.21 -9.14
CA ARG C 516 -22.05 -19.65 -7.92
C ARG C 516 -22.15 -18.61 -6.81
N MET C 517 -22.05 -17.34 -7.19
CA MET C 517 -22.15 -16.23 -6.24
C MET C 517 -23.58 -16.12 -5.69
N GLY C 518 -24.57 -16.19 -6.58
CA GLY C 518 -25.96 -16.28 -6.16
C GLY C 518 -26.16 -17.40 -5.14
N ALA C 519 -25.57 -18.56 -5.44
CA ALA C 519 -25.63 -19.71 -4.54
C ALA C 519 -24.93 -19.45 -3.20
N ALA C 520 -23.75 -18.85 -3.26
CA ALA C 520 -22.98 -18.54 -2.06
C ALA C 520 -23.68 -17.53 -1.15
N TYR C 521 -24.34 -16.55 -1.74
CA TYR C 521 -25.06 -15.52 -0.98
C TYR C 521 -26.27 -16.10 -0.25
N LYS C 522 -26.98 -17.02 -0.91
CA LYS C 522 -28.14 -17.70 -0.31
C LYS C 522 -27.73 -18.41 0.98
N VAL C 523 -26.60 -19.10 0.93
CA VAL C 523 -26.07 -19.83 2.08
C VAL C 523 -25.66 -18.90 3.22
N ASN C 524 -24.98 -17.80 2.89
CA ASN C 524 -24.54 -16.83 3.90
C ASN C 524 -25.67 -16.08 4.59
N ARG C 525 -26.80 -15.93 3.89
CA ARG C 525 -28.00 -15.37 4.49
C ARG C 525 -28.60 -16.32 5.50
N GLU C 526 -28.74 -17.57 5.08
CA GLU C 526 -29.37 -18.61 5.89
C GLU C 526 -28.62 -18.90 7.20
N VAL C 527 -27.51 -18.21 7.43
CA VAL C 527 -26.88 -18.10 8.75
C VAL C 527 -27.10 -16.69 9.32
N ARG C 528 -26.68 -15.68 8.56
CA ARG C 528 -26.79 -14.27 8.97
C ARG C 528 -28.24 -13.90 9.32
#